data_2R7F
#
_entry.id   2R7F
#
_cell.length_a   92.143
_cell.length_b   92.143
_cell.length_c   118.562
_cell.angle_alpha   90.00
_cell.angle_beta   90.00
_cell.angle_gamma   120.00
#
_symmetry.space_group_name_H-M   'P 63'
#
loop_
_entity.id
_entity.type
_entity.pdbx_description
1 polymer 'Ribonuclease II family protein'
2 water water
#
_entity_poly.entity_id   1
_entity_poly.type   'polypeptide(L)'
_entity_poly.pdbx_seq_one_letter_code
;(MSE)TQPELTPAQRTEVELLARGRADKSRVLRDLKLPETPEAAHALLLRLGVWDEARTPYADRLRAALNAVELPVPDFD
PAEERLDLTHLPTFAIDDEGNQDPDDAVGVEDLGGGLTRLWVHVADVAALVAPDSPLDLEARARGATLYLPDRTIG
(MSE)LPDELVAKAGLGLHEVSPALSICLDLDPDGNAEAVDVLLTRVKVQRLAYQEAQARLEAGEEPFVTLARLARASRR
LREGEGALSIDLPEVRVKADETGASVFPLPKPE(MSE)RTVVQEC(MSE)TLAGWGTAIFADDNEIPLPFATQDYPTREV
AGDTLPA(MSE)WARRKTLARTRFQPSPGPHHG(MSE)GLDLYAQATSP(MSE)RRYLDLVVHQQLRAFLAGRDPLSSKV
(MSE)AAHIAESQ(MSE)NADATRQAERLSRRHHTLRFIAAQPERVWDAVVVDRRGAQATLLIPDLAFDVQVNTPAAPGT
ALQVQFADIDLPQ(MSE)RVRARSVLEHHHHHH
;
_entity_poly.pdbx_strand_id   A
#
# COMPACT_ATOMS: atom_id res chain seq x y z
N GLN A 3 34.32 4.73 -23.13
CA GLN A 3 35.57 4.42 -23.88
C GLN A 3 35.87 2.91 -23.93
N PRO A 4 35.94 2.25 -22.76
CA PRO A 4 36.23 0.82 -22.78
C PRO A 4 35.12 0.00 -23.43
N GLU A 5 35.52 -1.03 -24.18
CA GLU A 5 34.57 -1.89 -24.85
C GLU A 5 34.59 -3.28 -24.24
N LEU A 6 33.44 -3.73 -23.78
CA LEU A 6 33.30 -5.04 -23.16
C LEU A 6 32.72 -6.06 -24.12
N THR A 7 33.15 -7.31 -23.98
CA THR A 7 32.61 -8.36 -24.83
C THR A 7 31.30 -8.78 -24.15
N PRO A 8 30.41 -9.44 -24.90
CA PRO A 8 29.15 -9.86 -24.28
C PRO A 8 29.38 -10.60 -22.95
N ALA A 9 30.32 -11.54 -22.97
CA ALA A 9 30.64 -12.31 -21.77
C ALA A 9 30.97 -11.39 -20.60
N GLN A 10 31.83 -10.41 -20.84
CA GLN A 10 32.21 -9.47 -19.80
C GLN A 10 31.04 -8.63 -19.33
N ARG A 11 30.19 -8.23 -20.27
CA ARG A 11 29.02 -7.43 -19.94
C ARG A 11 28.11 -8.18 -18.97
N THR A 12 27.90 -9.46 -19.22
CA THR A 12 27.06 -10.25 -18.35
C THR A 12 27.66 -10.40 -16.96
N GLU A 13 28.98 -10.48 -16.89
CA GLU A 13 29.69 -10.61 -15.62
C GLU A 13 29.48 -9.38 -14.75
N VAL A 14 29.57 -8.19 -15.35
CA VAL A 14 29.38 -6.95 -14.63
C VAL A 14 27.91 -6.74 -14.29
N GLU A 15 27.04 -7.22 -15.16
CA GLU A 15 25.60 -7.12 -14.99
C GLU A 15 25.16 -8.02 -13.82
N LEU A 16 25.93 -9.08 -13.59
CA LEU A 16 25.66 -10.04 -12.53
C LEU A 16 26.10 -9.43 -11.19
N LEU A 17 27.18 -8.65 -11.24
CA LEU A 17 27.67 -7.99 -10.05
C LEU A 17 26.74 -6.82 -9.70
N ALA A 18 26.15 -6.21 -10.73
CA ALA A 18 25.26 -5.09 -10.51
C ALA A 18 23.94 -5.57 -9.93
N ARG A 19 23.57 -6.80 -10.28
CA ARG A 19 22.32 -7.40 -9.80
C ARG A 19 22.51 -8.02 -8.42
N GLY A 20 23.75 -8.01 -7.93
CA GLY A 20 24.02 -8.59 -6.64
C GLY A 20 24.07 -10.11 -6.70
N ARG A 21 24.17 -10.67 -7.90
CA ARG A 21 24.24 -12.12 -8.04
C ARG A 21 25.68 -12.60 -7.97
N ALA A 22 26.61 -11.66 -7.88
CA ALA A 22 28.03 -11.96 -7.81
C ALA A 22 28.68 -11.01 -6.83
N ASP A 23 29.95 -11.25 -6.50
CA ASP A 23 30.65 -10.42 -5.52
C ASP A 23 31.91 -9.76 -6.09
N LYS A 24 32.41 -10.29 -7.21
CA LYS A 24 33.61 -9.72 -7.84
C LYS A 24 33.42 -9.59 -9.35
N SER A 25 34.44 -9.00 -9.99
CA SER A 25 34.45 -8.82 -11.43
C SER A 25 35.86 -8.49 -11.91
N ARG A 26 36.42 -9.37 -12.72
CA ARG A 26 37.77 -9.13 -13.24
C ARG A 26 37.74 -7.80 -14.02
N VAL A 27 36.69 -7.59 -14.81
CA VAL A 27 36.55 -6.37 -15.60
C VAL A 27 36.71 -5.11 -14.74
N LEU A 28 35.90 -4.99 -13.70
CA LEU A 28 35.97 -3.82 -12.83
C LEU A 28 37.35 -3.65 -12.22
N ARG A 29 37.91 -4.76 -11.75
CA ARG A 29 39.22 -4.78 -11.14
C ARG A 29 40.23 -4.21 -12.12
N ASP A 30 40.26 -4.80 -13.32
CA ASP A 30 41.18 -4.35 -14.35
C ASP A 30 41.03 -2.87 -14.68
N LEU A 31 39.80 -2.36 -14.62
CA LEU A 31 39.56 -0.96 -14.91
C LEU A 31 39.87 -0.12 -13.67
N LYS A 32 40.31 -0.79 -12.60
CA LYS A 32 40.66 -0.13 -11.35
C LYS A 32 39.45 0.56 -10.72
N LEU A 33 38.30 -0.10 -10.79
CA LEU A 33 37.08 0.44 -10.21
C LEU A 33 36.67 -0.47 -9.06
N PRO A 34 35.85 0.05 -8.13
CA PRO A 34 35.41 -0.77 -7.00
C PRO A 34 34.57 -1.97 -7.48
N GLU A 35 34.74 -3.12 -6.83
CA GLU A 35 33.97 -4.30 -7.18
C GLU A 35 32.72 -4.28 -6.32
N THR A 36 31.79 -3.39 -6.68
CA THR A 36 30.55 -3.22 -5.96
C THR A 36 29.35 -3.17 -6.91
N PRO A 37 28.18 -3.62 -6.45
CA PRO A 37 27.00 -3.60 -7.32
C PRO A 37 26.76 -2.18 -7.84
N GLU A 38 27.18 -1.20 -7.05
CA GLU A 38 27.01 0.20 -7.44
C GLU A 38 28.00 0.63 -8.50
N ALA A 39 29.24 0.17 -8.41
CA ALA A 39 30.25 0.54 -9.41
C ALA A 39 29.92 -0.14 -10.74
N ALA A 40 29.39 -1.36 -10.69
CA ALA A 40 29.02 -2.08 -11.89
C ALA A 40 27.83 -1.39 -12.58
N HIS A 41 26.92 -0.90 -11.74
CA HIS A 41 25.73 -0.23 -12.23
C HIS A 41 26.14 1.04 -12.95
N ALA A 42 27.07 1.77 -12.36
CA ALA A 42 27.57 3.02 -12.93
C ALA A 42 28.26 2.77 -14.26
N LEU A 43 29.12 1.75 -14.29
CA LEU A 43 29.86 1.42 -15.49
C LEU A 43 28.91 1.01 -16.61
N LEU A 44 27.90 0.20 -16.29
CA LEU A 44 26.95 -0.23 -17.30
C LEU A 44 26.26 0.99 -17.88
N LEU A 45 25.86 1.89 -16.99
CA LEU A 45 25.20 3.12 -17.42
C LEU A 45 26.18 3.88 -18.33
N ARG A 46 27.38 4.13 -17.81
CA ARG A 46 28.41 4.84 -18.56
C ARG A 46 28.68 4.24 -19.94
N LEU A 47 28.76 2.91 -20.01
CA LEU A 47 29.02 2.25 -21.27
C LEU A 47 27.76 2.07 -22.11
N GLY A 48 26.64 2.58 -21.62
CA GLY A 48 25.40 2.47 -22.36
C GLY A 48 24.76 1.09 -22.41
N VAL A 49 25.36 0.10 -21.74
CA VAL A 49 24.80 -1.25 -21.73
C VAL A 49 23.45 -1.24 -21.05
N TRP A 50 23.28 -0.33 -20.11
CA TRP A 50 22.03 -0.15 -19.38
C TRP A 50 21.65 1.32 -19.51
N ASP A 51 20.35 1.59 -19.53
CA ASP A 51 19.88 2.98 -19.58
C ASP A 51 19.46 3.30 -18.16
N GLU A 52 19.09 4.54 -17.90
CA GLU A 52 18.72 4.95 -16.57
C GLU A 52 17.37 4.44 -16.08
N ALA A 53 16.60 3.82 -16.96
CA ALA A 53 15.29 3.30 -16.59
C ALA A 53 15.35 1.99 -15.84
N ARG A 54 16.46 1.28 -15.96
CA ARG A 54 16.57 0.00 -15.27
C ARG A 54 16.80 0.17 -13.76
N THR A 55 16.23 -0.73 -12.98
CA THR A 55 16.36 -0.71 -11.52
C THR A 55 16.67 -2.12 -11.05
N PRO A 56 17.81 -2.30 -10.37
CA PRO A 56 18.20 -3.62 -9.89
C PRO A 56 17.81 -3.96 -8.44
N TYR A 57 17.09 -3.06 -7.76
CA TYR A 57 16.69 -3.25 -6.36
C TYR A 57 15.84 -4.48 -6.06
N ALA A 58 14.81 -4.73 -6.85
CA ALA A 58 13.98 -5.93 -6.63
C ALA A 58 14.87 -7.19 -6.80
N ASP A 59 15.81 -7.10 -7.72
CA ASP A 59 16.74 -8.18 -8.02
C ASP A 59 17.65 -8.43 -6.82
N ARG A 60 18.29 -7.36 -6.35
CA ARG A 60 19.22 -7.46 -5.23
C ARG A 60 18.52 -7.97 -3.97
N LEU A 61 17.33 -7.46 -3.71
CA LEU A 61 16.53 -7.86 -2.56
C LEU A 61 15.90 -9.22 -2.80
N ARG A 62 16.12 -9.76 -3.98
CA ARG A 62 15.58 -11.06 -4.34
C ARG A 62 14.05 -11.12 -4.25
N ALA A 63 13.39 -10.07 -4.71
CA ALA A 63 11.94 -10.04 -4.73
C ALA A 63 11.51 -10.47 -6.14
N ALA A 64 10.55 -11.38 -6.21
CA ALA A 64 10.05 -11.89 -7.48
C ALA A 64 9.62 -10.80 -8.47
N LEU A 65 10.08 -10.94 -9.71
CA LEU A 65 9.77 -10.01 -10.79
C LEU A 65 8.98 -10.70 -11.90
N ASN A 66 8.56 -11.93 -11.64
CA ASN A 66 7.77 -12.69 -12.61
C ASN A 66 6.35 -12.81 -12.11
N ALA A 67 5.39 -12.75 -13.03
CA ALA A 67 3.99 -12.87 -12.66
C ALA A 67 3.77 -14.33 -12.27
N VAL A 68 2.99 -14.54 -11.21
CA VAL A 68 2.75 -15.91 -10.76
C VAL A 68 2.01 -16.70 -11.83
N GLU A 69 2.63 -17.80 -12.26
CA GLU A 69 2.04 -18.64 -13.30
C GLU A 69 1.54 -19.97 -12.76
N LEU A 70 0.44 -19.88 -12.02
CA LEU A 70 -0.19 -21.04 -11.44
C LEU A 70 -1.62 -21.00 -11.93
N PRO A 71 -2.22 -22.16 -12.16
CA PRO A 71 -3.60 -22.14 -12.64
C PRO A 71 -4.51 -21.65 -11.50
N VAL A 72 -5.51 -20.86 -11.85
CA VAL A 72 -6.43 -20.34 -10.86
C VAL A 72 -7.78 -20.99 -11.07
N PRO A 73 -8.40 -21.53 -10.00
CA PRO A 73 -9.71 -22.16 -10.15
C PRO A 73 -10.83 -21.13 -10.30
N ASP A 74 -12.00 -21.59 -10.75
CA ASP A 74 -13.14 -20.71 -10.90
C ASP A 74 -13.95 -20.70 -9.61
N PHE A 75 -14.79 -19.70 -9.45
CA PHE A 75 -15.65 -19.62 -8.27
C PHE A 75 -16.69 -20.74 -8.39
N ASP A 76 -17.03 -21.36 -7.27
CA ASP A 76 -18.03 -22.42 -7.31
C ASP A 76 -19.37 -21.74 -7.58
N PRO A 77 -20.02 -22.10 -8.70
CA PRO A 77 -21.31 -21.52 -9.07
C PRO A 77 -22.48 -21.99 -8.20
N ALA A 78 -22.28 -23.11 -7.53
CA ALA A 78 -23.31 -23.69 -6.68
C ALA A 78 -23.28 -23.14 -5.25
N GLU A 79 -22.25 -22.35 -4.94
CA GLU A 79 -22.11 -21.78 -3.60
C GLU A 79 -23.18 -20.73 -3.31
N GLU A 80 -23.78 -20.80 -2.13
CA GLU A 80 -24.81 -19.86 -1.72
C GLU A 80 -24.29 -18.49 -1.29
N ARG A 81 -24.79 -17.45 -1.95
CA ARG A 81 -24.38 -16.09 -1.65
C ARG A 81 -25.61 -15.18 -1.65
N LEU A 82 -25.60 -14.17 -0.80
CA LEU A 82 -26.70 -13.21 -0.76
C LEU A 82 -26.58 -12.27 -1.95
N ASP A 83 -27.67 -12.09 -2.69
CA ASP A 83 -27.66 -11.20 -3.85
C ASP A 83 -27.89 -9.75 -3.46
N LEU A 84 -26.92 -8.90 -3.77
CA LEU A 84 -27.01 -7.48 -3.45
C LEU A 84 -26.70 -6.73 -4.73
N THR A 85 -27.07 -7.34 -5.84
CA THR A 85 -26.84 -6.77 -7.15
C THR A 85 -27.81 -5.65 -7.46
N HIS A 86 -28.82 -5.47 -6.63
CA HIS A 86 -29.81 -4.42 -6.86
C HIS A 86 -29.36 -3.14 -6.17
N LEU A 87 -28.35 -3.26 -5.31
CA LEU A 87 -27.87 -2.13 -4.56
C LEU A 87 -26.76 -1.38 -5.27
N PRO A 88 -26.83 -0.04 -5.26
CA PRO A 88 -25.80 0.77 -5.91
C PRO A 88 -24.49 0.52 -5.16
N THR A 89 -23.45 0.10 -5.89
CA THR A 89 -22.16 -0.17 -5.26
C THR A 89 -20.99 0.48 -6.01
N PHE A 90 -20.05 1.03 -5.26
CA PHE A 90 -18.93 1.70 -5.91
C PHE A 90 -17.56 1.29 -5.41
N ALA A 91 -16.70 0.97 -6.37
CA ALA A 91 -15.32 0.59 -6.10
C ALA A 91 -14.61 1.87 -6.41
N ILE A 92 -14.22 2.60 -5.37
CA ILE A 92 -13.56 3.88 -5.54
C ILE A 92 -12.06 3.75 -5.32
N ASP A 93 -11.30 4.25 -6.28
CA ASP A 93 -9.85 4.14 -6.22
C ASP A 93 -9.12 5.36 -6.72
N ASP A 94 -7.82 5.18 -6.90
CA ASP A 94 -6.94 6.21 -7.43
C ASP A 94 -7.04 6.06 -8.95
N GLU A 95 -6.40 6.97 -9.68
CA GLU A 95 -6.43 6.89 -11.14
C GLU A 95 -5.35 5.92 -11.58
N GLY A 96 -5.65 5.13 -12.61
CA GLY A 96 -4.65 4.20 -13.11
C GLY A 96 -4.59 2.80 -12.53
N ASN A 97 -4.89 2.65 -11.24
CA ASN A 97 -4.85 1.33 -10.65
C ASN A 97 -5.90 0.45 -11.34
N GLN A 98 -5.57 -0.82 -11.53
CA GLN A 98 -6.49 -1.74 -12.20
C GLN A 98 -6.62 -3.06 -11.46
N ASP A 99 -6.57 -2.99 -10.15
CA ASP A 99 -6.71 -4.15 -9.29
C ASP A 99 -7.71 -3.81 -8.18
N PRO A 100 -8.98 -3.60 -8.58
CA PRO A 100 -10.06 -3.26 -7.64
C PRO A 100 -10.27 -4.34 -6.58
N ASP A 101 -9.97 -3.99 -5.33
CA ASP A 101 -10.06 -4.91 -4.22
C ASP A 101 -11.35 -4.75 -3.40
N ASP A 102 -12.01 -3.61 -3.54
CA ASP A 102 -13.20 -3.36 -2.74
C ASP A 102 -14.25 -2.45 -3.34
N ALA A 103 -15.40 -2.43 -2.68
CA ALA A 103 -16.52 -1.63 -3.09
C ALA A 103 -17.36 -1.30 -1.85
N VAL A 104 -17.93 -0.10 -1.82
CA VAL A 104 -18.75 0.35 -0.70
C VAL A 104 -20.20 0.57 -1.12
N GLY A 105 -21.10 0.59 -0.14
CA GLY A 105 -22.51 0.80 -0.40
C GLY A 105 -23.24 1.05 0.91
N VAL A 106 -24.48 1.53 0.86
CA VAL A 106 -25.23 1.78 2.10
C VAL A 106 -26.73 1.58 1.97
N GLU A 107 -27.34 1.06 3.03
CA GLU A 107 -28.77 0.86 3.08
C GLU A 107 -29.38 1.62 4.25
N ASP A 108 -30.50 2.29 4.02
CA ASP A 108 -31.18 3.01 5.09
C ASP A 108 -32.05 1.96 5.75
N LEU A 109 -31.83 1.71 7.03
CA LEU A 109 -32.60 0.70 7.73
C LEU A 109 -33.75 1.30 8.53
N GLY A 110 -33.75 2.62 8.70
CA GLY A 110 -34.81 3.25 9.45
C GLY A 110 -34.47 3.60 10.88
N GLY A 111 -35.12 4.63 11.40
CA GLY A 111 -34.85 5.07 12.75
C GLY A 111 -33.45 5.64 12.79
N GLY A 112 -32.96 6.07 11.63
CA GLY A 112 -31.63 6.62 11.55
C GLY A 112 -30.53 5.57 11.51
N LEU A 113 -30.91 4.30 11.48
CA LEU A 113 -29.95 3.22 11.44
C LEU A 113 -29.52 3.00 10.00
N THR A 114 -28.23 3.09 9.74
CA THR A 114 -27.73 2.88 8.39
C THR A 114 -26.72 1.75 8.33
N ARG A 115 -26.94 0.85 7.38
CA ARG A 115 -26.08 -0.30 7.19
C ARG A 115 -25.01 -0.01 6.15
N LEU A 116 -23.76 -0.05 6.59
CA LEU A 116 -22.64 0.19 5.70
C LEU A 116 -22.19 -1.13 5.09
N TRP A 117 -22.01 -1.12 3.78
CA TRP A 117 -21.55 -2.31 3.07
C TRP A 117 -20.15 -2.08 2.54
N VAL A 118 -19.26 -3.02 2.84
CA VAL A 118 -17.91 -2.96 2.32
C VAL A 118 -17.71 -4.36 1.76
N HIS A 119 -17.57 -4.43 0.45
CA HIS A 119 -17.37 -5.69 -0.22
C HIS A 119 -15.92 -5.76 -0.60
N VAL A 120 -15.37 -6.96 -0.54
CA VAL A 120 -13.97 -7.17 -0.89
C VAL A 120 -13.87 -8.33 -1.88
N ALA A 121 -12.81 -8.37 -2.67
CA ALA A 121 -12.63 -9.48 -3.61
C ALA A 121 -12.61 -10.77 -2.79
N ASP A 122 -13.36 -11.77 -3.25
CA ASP A 122 -13.47 -13.05 -2.57
C ASP A 122 -12.32 -13.99 -2.90
N VAL A 123 -11.10 -13.48 -2.70
CA VAL A 123 -9.88 -14.22 -2.98
C VAL A 123 -9.80 -15.58 -2.30
N ALA A 124 -10.20 -15.66 -1.04
CA ALA A 124 -10.14 -16.91 -0.30
C ALA A 124 -10.93 -18.05 -0.95
N ALA A 125 -11.86 -17.69 -1.81
CA ALA A 125 -12.69 -18.67 -2.49
C ALA A 125 -11.92 -19.39 -3.57
N LEU A 126 -10.78 -18.80 -3.94
CA LEU A 126 -9.92 -19.34 -4.99
C LEU A 126 -8.53 -19.70 -4.49
N VAL A 127 -8.24 -19.38 -3.22
CA VAL A 127 -6.93 -19.63 -2.67
C VAL A 127 -7.04 -20.25 -1.28
N ALA A 128 -7.11 -21.57 -1.21
CA ALA A 128 -7.20 -22.24 0.07
C ALA A 128 -5.85 -22.23 0.76
N PRO A 129 -5.83 -22.25 2.10
CA PRO A 129 -4.52 -22.24 2.75
C PRO A 129 -3.75 -23.52 2.42
N ASP A 130 -2.46 -23.37 2.14
CA ASP A 130 -1.58 -24.49 1.83
C ASP A 130 -1.59 -24.86 0.33
N SER A 131 -2.26 -24.05 -0.47
CA SER A 131 -2.31 -24.33 -1.90
C SER A 131 -1.09 -23.75 -2.60
N PRO A 132 -0.87 -24.13 -3.87
CA PRO A 132 0.28 -23.61 -4.62
C PRO A 132 0.16 -22.09 -4.64
N LEU A 133 -1.07 -21.63 -4.80
CA LEU A 133 -1.39 -20.21 -4.84
C LEU A 133 -1.02 -19.55 -3.51
N ASP A 134 -1.47 -20.17 -2.41
CA ASP A 134 -1.22 -19.68 -1.06
C ASP A 134 0.27 -19.58 -0.76
N LEU A 135 0.98 -20.67 -0.97
CA LEU A 135 2.41 -20.75 -0.73
C LEU A 135 3.17 -19.71 -1.51
N GLU A 136 2.79 -19.52 -2.77
CA GLU A 136 3.48 -18.53 -3.59
C GLU A 136 3.19 -17.11 -3.07
N ALA A 137 1.95 -16.88 -2.64
CA ALA A 137 1.57 -15.58 -2.12
C ALA A 137 2.31 -15.30 -0.81
N ARG A 138 2.58 -16.37 -0.07
CA ARG A 138 3.30 -16.23 1.19
C ARG A 138 4.77 -15.92 0.87
N ALA A 139 5.27 -16.53 -0.19
CA ALA A 139 6.66 -16.32 -0.59
C ALA A 139 6.94 -14.87 -0.98
N ARG A 140 5.92 -14.20 -1.50
CA ARG A 140 6.06 -12.81 -1.91
C ARG A 140 5.61 -11.83 -0.83
N GLY A 141 4.72 -12.29 0.04
CA GLY A 141 4.23 -11.44 1.11
C GLY A 141 3.32 -10.32 0.65
N ALA A 142 3.51 -9.85 -0.57
CA ALA A 142 2.69 -8.76 -1.11
C ALA A 142 2.94 -8.46 -2.59
N THR A 143 2.02 -7.72 -3.20
CA THR A 143 2.17 -7.34 -4.59
C THR A 143 3.22 -6.22 -4.64
N LEU A 144 4.11 -6.29 -5.62
CA LEU A 144 5.17 -5.29 -5.79
C LEU A 144 4.74 -4.23 -6.82
N TYR A 145 4.51 -3.01 -6.35
CA TYR A 145 4.09 -1.91 -7.25
C TYR A 145 5.26 -1.02 -7.67
N LEU A 146 5.91 -1.37 -8.77
CA LEU A 146 7.03 -0.58 -9.26
C LEU A 146 6.49 0.57 -10.10
N PRO A 147 7.28 1.64 -10.26
CA PRO A 147 6.75 2.74 -11.07
C PRO A 147 6.54 2.37 -12.54
N ASP A 148 7.21 1.32 -13.02
CA ASP A 148 7.06 0.93 -14.43
C ASP A 148 6.35 -0.40 -14.67
N ARG A 149 5.83 -1.03 -13.61
CA ARG A 149 5.13 -2.30 -13.76
C ARG A 149 4.65 -2.83 -12.41
N THR A 150 3.71 -3.78 -12.46
CA THR A 150 3.14 -4.34 -11.24
C THR A 150 3.26 -5.85 -11.20
N ILE A 151 3.97 -6.38 -10.21
CA ILE A 151 4.11 -7.82 -10.10
C ILE A 151 3.21 -8.27 -8.95
N GLY A 152 2.04 -8.77 -9.33
CA GLY A 152 1.06 -9.21 -8.37
C GLY A 152 1.49 -10.37 -7.50
N LEU A 154 -0.48 -12.56 -6.74
CA LEU A 154 -1.23 -13.65 -7.33
C LEU A 154 -1.23 -13.48 -8.85
N PRO A 155 -1.68 -14.52 -9.59
CA PRO A 155 -1.73 -14.48 -11.05
C PRO A 155 -2.66 -13.38 -11.56
N ASP A 156 -2.40 -12.91 -12.78
CA ASP A 156 -3.22 -11.87 -13.37
C ASP A 156 -4.62 -12.40 -13.63
N GLU A 157 -4.71 -13.64 -14.07
CA GLU A 157 -6.01 -14.25 -14.32
C GLU A 157 -6.87 -14.23 -13.05
N LEU A 158 -6.24 -14.44 -11.89
CA LEU A 158 -6.98 -14.41 -10.63
C LEU A 158 -7.57 -13.03 -10.43
N VAL A 159 -6.72 -12.03 -10.59
CA VAL A 159 -7.13 -10.62 -10.45
C VAL A 159 -8.28 -10.34 -11.41
N ALA A 160 -8.16 -10.85 -12.63
CA ALA A 160 -9.16 -10.64 -13.68
C ALA A 160 -10.58 -11.06 -13.31
N LYS A 161 -10.74 -12.27 -12.81
CA LYS A 161 -12.05 -12.78 -12.47
C LYS A 161 -12.51 -12.44 -11.05
N ALA A 162 -11.56 -12.09 -10.19
CA ALA A 162 -11.86 -11.77 -8.80
C ALA A 162 -12.04 -10.28 -8.53
N GLY A 163 -11.40 -9.43 -9.33
CA GLY A 163 -11.51 -8.00 -9.14
C GLY A 163 -12.95 -7.50 -9.14
N LEU A 164 -13.26 -6.53 -8.27
CA LEU A 164 -14.61 -5.99 -8.17
C LEU A 164 -14.96 -4.98 -9.25
N GLY A 165 -16.02 -5.25 -9.99
CA GLY A 165 -16.42 -4.34 -11.04
C GLY A 165 -15.64 -4.48 -12.32
N LEU A 166 -15.15 -5.69 -12.59
CA LEU A 166 -14.43 -5.97 -13.82
C LEU A 166 -15.41 -6.77 -14.67
N HIS A 167 -16.56 -7.07 -14.09
CA HIS A 167 -17.64 -7.81 -14.73
C HIS A 167 -18.97 -7.23 -14.29
N GLU A 168 -20.00 -7.32 -15.13
CA GLU A 168 -21.29 -6.75 -14.79
C GLU A 168 -21.70 -7.14 -13.37
N VAL A 169 -21.20 -8.28 -12.91
CA VAL A 169 -21.49 -8.77 -11.58
C VAL A 169 -20.27 -9.52 -11.08
N SER A 170 -20.12 -9.61 -9.78
CA SER A 170 -18.98 -10.29 -9.22
C SER A 170 -19.23 -10.78 -7.80
N PRO A 171 -18.63 -11.91 -7.44
CA PRO A 171 -18.83 -12.44 -6.09
C PRO A 171 -18.00 -11.60 -5.15
N ALA A 172 -18.21 -11.76 -3.85
CA ALA A 172 -17.43 -11.00 -2.89
C ALA A 172 -17.68 -11.45 -1.47
N LEU A 173 -16.72 -11.20 -0.60
CA LEU A 173 -16.90 -11.50 0.81
C LEU A 173 -17.17 -10.10 1.34
N SER A 174 -18.29 -9.93 2.03
CA SER A 174 -18.64 -8.60 2.53
C SER A 174 -18.76 -8.49 4.03
N ILE A 175 -18.61 -7.27 4.51
CA ILE A 175 -18.75 -6.95 5.92
C ILE A 175 -19.77 -5.84 5.98
N CYS A 176 -20.78 -5.99 6.82
CA CYS A 176 -21.77 -4.92 6.93
C CYS A 176 -21.84 -4.47 8.39
N LEU A 177 -22.02 -3.18 8.59
CA LEU A 177 -22.13 -2.64 9.93
C LEU A 177 -23.37 -1.78 10.00
N ASP A 178 -24.19 -2.02 11.03
CA ASP A 178 -25.40 -1.24 11.24
C ASP A 178 -24.98 -0.14 12.21
N LEU A 179 -24.83 1.08 11.69
CA LEU A 179 -24.40 2.21 12.51
C LEU A 179 -25.49 3.26 12.76
N ASP A 180 -25.64 3.67 14.01
CA ASP A 180 -26.62 4.70 14.34
C ASP A 180 -26.00 6.05 14.03
N PRO A 181 -26.80 7.13 14.03
CA PRO A 181 -26.26 8.47 13.73
C PRO A 181 -25.00 8.83 14.52
N ASP A 182 -24.89 8.31 15.73
CA ASP A 182 -23.75 8.61 16.60
C ASP A 182 -22.49 7.77 16.35
N GLY A 183 -22.51 6.96 15.29
CA GLY A 183 -21.36 6.16 14.96
C GLY A 183 -21.24 4.83 15.68
N ASN A 184 -22.24 4.49 16.50
CA ASN A 184 -22.20 3.23 17.23
C ASN A 184 -22.75 2.11 16.35
N ALA A 185 -22.10 0.96 16.41
CA ALA A 185 -22.51 -0.20 15.64
C ALA A 185 -23.41 -1.05 16.53
N GLU A 186 -24.51 -1.54 15.97
CA GLU A 186 -25.42 -2.37 16.75
C GLU A 186 -25.29 -3.80 16.27
N ALA A 187 -24.70 -3.97 15.10
CA ALA A 187 -24.51 -5.28 14.53
C ALA A 187 -23.47 -5.27 13.40
N VAL A 188 -22.59 -6.27 13.41
CA VAL A 188 -21.59 -6.42 12.37
C VAL A 188 -21.81 -7.80 11.77
N ASP A 189 -21.81 -7.88 10.45
CA ASP A 189 -22.04 -9.15 9.79
C ASP A 189 -21.01 -9.40 8.70
N VAL A 190 -20.68 -10.67 8.47
CA VAL A 190 -19.70 -11.06 7.47
C VAL A 190 -20.27 -12.20 6.64
N LEU A 191 -20.43 -12.00 5.34
CA LEU A 191 -20.97 -13.06 4.50
C LEU A 191 -20.66 -13.00 3.01
N LEU A 192 -20.85 -14.13 2.34
CA LEU A 192 -20.61 -14.24 0.90
C LEU A 192 -21.75 -13.61 0.14
N THR A 193 -21.43 -12.71 -0.77
CA THR A 193 -22.44 -12.00 -1.54
C THR A 193 -22.10 -11.85 -3.00
N ARG A 194 -23.07 -11.33 -3.75
CA ARG A 194 -22.89 -11.06 -5.17
C ARG A 194 -23.35 -9.62 -5.36
N VAL A 195 -22.48 -8.80 -5.94
CA VAL A 195 -22.78 -7.40 -6.17
C VAL A 195 -22.41 -7.00 -7.59
N LYS A 196 -22.90 -5.84 -8.00
CA LYS A 196 -22.58 -5.28 -9.31
C LYS A 196 -21.97 -3.94 -8.96
N VAL A 197 -20.65 -3.85 -9.08
CA VAL A 197 -19.98 -2.62 -8.72
C VAL A 197 -19.69 -1.72 -9.91
N GLN A 198 -19.67 -0.41 -9.64
CA GLN A 198 -19.39 0.62 -10.64
C GLN A 198 -18.09 1.29 -10.18
N ARG A 199 -17.09 1.33 -11.05
CA ARG A 199 -15.81 1.91 -10.68
C ARG A 199 -15.74 3.42 -10.89
N LEU A 200 -15.00 4.08 -10.02
CA LEU A 200 -14.83 5.52 -10.08
C LEU A 200 -13.50 5.91 -9.46
N ALA A 201 -12.99 7.08 -9.81
CA ALA A 201 -11.74 7.55 -9.23
C ALA A 201 -12.14 8.44 -8.06
N TYR A 202 -11.27 8.59 -7.06
CA TYR A 202 -11.61 9.42 -5.91
C TYR A 202 -12.19 10.77 -6.33
N GLN A 203 -11.50 11.43 -7.27
CA GLN A 203 -11.94 12.73 -7.76
C GLN A 203 -13.36 12.68 -8.31
N GLU A 204 -13.68 11.61 -9.03
CA GLU A 204 -15.01 11.47 -9.60
C GLU A 204 -16.05 11.37 -8.52
N ALA A 205 -15.74 10.60 -7.48
CA ALA A 205 -16.65 10.41 -6.36
C ALA A 205 -16.85 11.74 -5.64
N GLN A 206 -15.76 12.50 -5.50
CA GLN A 206 -15.80 13.80 -4.83
C GLN A 206 -16.78 14.75 -5.54
N ALA A 207 -16.78 14.73 -6.86
CA ALA A 207 -17.67 15.59 -7.64
C ALA A 207 -19.13 15.22 -7.37
N ARG A 208 -19.37 13.93 -7.13
CA ARG A 208 -20.72 13.45 -6.87
C ARG A 208 -21.11 13.73 -5.44
N LEU A 209 -20.10 13.90 -4.59
CA LEU A 209 -20.32 14.17 -3.19
C LEU A 209 -20.70 15.65 -3.09
N GLU A 210 -20.03 16.48 -3.89
CA GLU A 210 -20.29 17.91 -3.90
C GLU A 210 -21.66 18.21 -4.49
N ALA A 211 -22.11 17.35 -5.41
CA ALA A 211 -23.42 17.51 -6.05
C ALA A 211 -24.48 16.92 -5.16
N GLY A 212 -24.07 16.44 -3.98
CA GLY A 212 -24.99 15.85 -3.02
C GLY A 212 -25.66 14.55 -3.44
N GLU A 213 -24.92 13.67 -4.10
CA GLU A 213 -25.52 12.41 -4.53
C GLU A 213 -25.31 11.31 -3.48
N GLU A 214 -26.15 10.29 -3.55
CA GLU A 214 -26.05 9.15 -2.65
C GLU A 214 -25.41 8.03 -3.47
N PRO A 215 -24.72 7.08 -2.81
CA PRO A 215 -24.49 6.94 -1.38
C PRO A 215 -23.34 7.79 -0.86
N PHE A 216 -22.71 8.55 -1.76
CA PHE A 216 -21.58 9.39 -1.40
C PHE A 216 -21.76 10.25 -0.15
N VAL A 217 -22.89 10.96 -0.10
CA VAL A 217 -23.19 11.82 1.04
C VAL A 217 -23.25 11.00 2.33
N THR A 218 -24.09 9.97 2.34
CA THR A 218 -24.23 9.13 3.52
C THR A 218 -22.88 8.58 3.93
N LEU A 219 -22.11 8.08 2.96
CA LEU A 219 -20.80 7.53 3.24
C LEU A 219 -19.97 8.56 3.98
N ALA A 220 -19.94 9.78 3.45
CA ALA A 220 -19.17 10.86 4.07
C ALA A 220 -19.64 11.07 5.51
N ARG A 221 -20.94 11.01 5.74
CA ARG A 221 -21.46 11.19 7.09
C ARG A 221 -20.92 10.11 8.04
N LEU A 222 -21.15 8.84 7.71
CA LEU A 222 -20.67 7.73 8.53
C LEU A 222 -19.16 7.81 8.76
N ALA A 223 -18.43 8.34 7.77
CA ALA A 223 -16.98 8.48 7.90
C ALA A 223 -16.60 9.55 8.90
N ARG A 224 -17.31 10.67 8.85
CA ARG A 224 -17.03 11.78 9.76
C ARG A 224 -17.35 11.31 11.19
N ALA A 225 -18.36 10.46 11.34
CA ALA A 225 -18.75 9.94 12.65
C ALA A 225 -17.72 8.95 13.19
N SER A 226 -17.29 8.02 12.34
CA SER A 226 -16.31 7.01 12.75
C SER A 226 -14.95 7.60 13.09
N ARG A 227 -14.56 8.67 12.40
CA ARG A 227 -13.26 9.28 12.65
C ARG A 227 -13.23 10.02 13.97
N ARG A 228 -14.35 10.64 14.32
CA ARG A 228 -14.42 11.40 15.56
C ARG A 228 -14.34 10.48 16.77
N LEU A 229 -14.98 9.31 16.70
CA LEU A 229 -14.93 8.37 17.82
C LEU A 229 -13.49 7.97 18.06
N ARG A 230 -12.82 7.52 17.01
CA ARG A 230 -11.43 7.11 17.10
C ARG A 230 -10.57 8.25 17.61
N GLU A 231 -10.91 9.47 17.23
CA GLU A 231 -10.13 10.63 17.67
C GLU A 231 -10.41 10.97 19.13
N GLY A 232 -11.45 10.36 19.68
CA GLY A 232 -11.77 10.57 21.07
C GLY A 232 -10.95 9.54 21.84
N GLU A 233 -10.69 8.41 21.19
CA GLU A 233 -9.91 7.34 21.81
C GLU A 233 -8.40 7.46 21.62
N GLY A 234 -7.93 8.63 21.20
CA GLY A 234 -6.50 8.84 21.02
C GLY A 234 -5.86 8.56 19.68
N ALA A 235 -6.68 8.33 18.65
CA ALA A 235 -6.12 8.08 17.32
C ALA A 235 -5.56 9.40 16.81
N LEU A 236 -4.43 9.35 16.14
CA LEU A 236 -3.85 10.59 15.62
C LEU A 236 -3.68 10.45 14.11
N SER A 237 -3.42 11.57 13.43
CA SER A 237 -3.26 11.51 11.99
C SER A 237 -1.85 11.75 11.47
N ILE A 238 -1.40 10.83 10.63
CA ILE A 238 -0.10 10.90 10.01
C ILE A 238 -0.34 10.94 8.51
N ASP A 239 -0.95 12.03 8.04
CA ASP A 239 -1.22 12.16 6.62
C ASP A 239 -0.29 13.20 5.98
N LEU A 240 0.86 12.74 5.50
CA LEU A 240 1.83 13.62 4.87
C LEU A 240 1.55 13.70 3.38
N PRO A 241 2.24 14.58 2.66
CA PRO A 241 1.95 14.63 1.23
C PRO A 241 2.41 13.37 0.51
N GLU A 242 1.60 12.91 -0.41
CA GLU A 242 1.91 11.72 -1.19
C GLU A 242 1.97 12.07 -2.66
N VAL A 243 2.69 11.26 -3.42
CA VAL A 243 2.87 11.48 -4.85
C VAL A 243 2.71 10.16 -5.56
N ARG A 244 2.67 10.22 -6.89
CA ARG A 244 2.57 9.01 -7.68
C ARG A 244 3.82 9.03 -8.55
N VAL A 245 4.48 7.90 -8.66
CA VAL A 245 5.69 7.80 -9.45
C VAL A 245 5.45 6.74 -10.51
N LYS A 246 5.46 7.20 -11.76
CA LYS A 246 5.21 6.33 -12.92
C LYS A 246 6.37 6.46 -13.90
N ALA A 247 6.64 5.40 -14.65
CA ALA A 247 7.71 5.43 -15.63
C ALA A 247 7.40 4.61 -16.87
N ASP A 248 7.89 5.07 -18.01
CA ASP A 248 7.70 4.38 -19.29
C ASP A 248 8.79 4.82 -20.27
N GLU A 249 8.61 4.48 -21.55
CA GLU A 249 9.59 4.83 -22.58
C GLU A 249 9.84 6.32 -22.64
N THR A 250 8.80 7.12 -22.34
CA THR A 250 8.92 8.57 -22.38
C THR A 250 9.73 9.12 -21.20
N GLY A 251 9.90 8.31 -20.15
CA GLY A 251 10.67 8.77 -19.01
C GLY A 251 10.02 8.48 -17.66
N ALA A 252 10.41 9.26 -16.65
CA ALA A 252 9.88 9.11 -15.29
C ALA A 252 9.00 10.29 -14.91
N SER A 253 7.89 10.01 -14.23
CA SER A 253 6.97 11.05 -13.83
C SER A 253 6.67 10.98 -12.35
N VAL A 254 6.51 12.15 -11.73
CA VAL A 254 6.20 12.24 -10.31
C VAL A 254 5.26 13.40 -10.06
N PHE A 255 3.95 13.13 -10.17
CA PHE A 255 2.97 14.17 -9.90
C PHE A 255 2.27 13.89 -8.57
N PRO A 256 1.98 14.94 -7.79
CA PRO A 256 1.30 14.80 -6.50
C PRO A 256 0.00 14.01 -6.61
N LEU A 257 -0.38 13.34 -5.54
CA LEU A 257 -1.62 12.53 -5.53
C LEU A 257 -2.75 13.29 -4.87
N PRO A 258 -3.85 13.53 -5.61
CA PRO A 258 -4.98 14.25 -5.03
C PRO A 258 -5.64 13.45 -3.92
N LYS A 259 -6.06 14.15 -2.87
CA LYS A 259 -6.71 13.51 -1.73
C LYS A 259 -7.99 14.23 -1.42
N PRO A 260 -9.06 13.95 -2.17
CA PRO A 260 -10.32 14.63 -1.86
C PRO A 260 -10.94 14.03 -0.60
N GLU A 261 -11.94 14.69 -0.04
CA GLU A 261 -12.60 14.20 1.16
C GLU A 261 -13.04 12.76 0.93
N ARG A 263 -11.67 10.45 -0.62
CA ARG A 263 -10.59 9.49 -0.42
C ARG A 263 -10.52 9.09 1.04
N THR A 264 -10.51 10.09 1.93
CA THR A 264 -10.48 9.86 3.36
C THR A 264 -11.70 9.03 3.79
N VAL A 265 -12.84 9.26 3.16
CA VAL A 265 -14.06 8.54 3.46
C VAL A 265 -13.93 7.03 3.17
N VAL A 266 -13.42 6.68 2.00
CA VAL A 266 -13.28 5.28 1.65
C VAL A 266 -12.29 4.62 2.61
N GLN A 267 -11.28 5.39 3.03
CA GLN A 267 -10.31 4.86 3.97
C GLN A 267 -10.99 4.53 5.28
N GLU A 268 -11.80 5.46 5.77
CA GLU A 268 -12.49 5.23 7.02
C GLU A 268 -13.40 4.01 6.91
N CYS A 269 -13.97 3.82 5.72
CA CYS A 269 -14.86 2.69 5.44
C CYS A 269 -14.07 1.40 5.52
N THR A 271 -11.34 1.09 7.28
CA THR A 271 -11.02 1.04 8.70
C THR A 271 -12.17 0.36 9.44
N LEU A 272 -13.40 0.72 9.04
CA LEU A 272 -14.60 0.17 9.63
C LEU A 272 -14.73 -1.33 9.39
N ALA A 273 -14.59 -1.76 8.14
CA ALA A 273 -14.69 -3.18 7.80
C ALA A 273 -13.67 -3.97 8.62
N GLY A 274 -12.50 -3.38 8.80
CA GLY A 274 -11.45 -4.03 9.55
C GLY A 274 -11.82 -4.18 11.01
N TRP A 275 -12.29 -3.09 11.61
CA TRP A 275 -12.69 -3.12 13.00
C TRP A 275 -13.85 -4.10 13.11
N GLY A 276 -14.84 -3.94 12.22
CA GLY A 276 -16.00 -4.80 12.20
C GLY A 276 -15.65 -6.28 12.09
N THR A 277 -14.59 -6.57 11.36
CA THR A 277 -14.12 -7.94 11.19
C THR A 277 -13.37 -8.43 12.42
N ALA A 278 -12.68 -7.52 13.10
CA ALA A 278 -11.97 -7.91 14.32
C ALA A 278 -13.01 -8.37 15.33
N ILE A 279 -14.12 -7.64 15.38
CA ILE A 279 -15.23 -7.95 16.26
C ILE A 279 -15.80 -9.34 15.96
N PHE A 280 -16.30 -9.51 14.74
CA PHE A 280 -16.88 -10.77 14.30
C PHE A 280 -15.97 -11.94 14.67
N ALA A 281 -14.68 -11.77 14.44
CA ALA A 281 -13.72 -12.82 14.74
C ALA A 281 -13.65 -13.10 16.23
N ASP A 282 -13.66 -12.05 17.03
CA ASP A 282 -13.59 -12.17 18.48
C ASP A 282 -14.81 -12.90 19.01
N ASP A 283 -16.00 -12.54 18.54
CA ASP A 283 -17.22 -13.18 18.98
C ASP A 283 -17.22 -14.67 18.67
N ASN A 284 -16.78 -15.03 17.46
CA ASN A 284 -16.77 -16.42 17.04
C ASN A 284 -15.48 -17.17 17.33
N GLU A 285 -14.59 -16.54 18.10
CA GLU A 285 -13.34 -17.18 18.45
C GLU A 285 -12.53 -17.62 17.23
N ILE A 286 -12.57 -16.83 16.17
CA ILE A 286 -11.80 -17.13 14.97
C ILE A 286 -10.43 -16.45 15.08
N PRO A 287 -9.32 -17.20 15.03
CA PRO A 287 -7.99 -16.59 15.12
C PRO A 287 -7.69 -15.78 13.87
N LEU A 288 -7.10 -14.61 14.06
CA LEU A 288 -6.75 -13.74 12.95
C LEU A 288 -5.45 -13.03 13.25
N PRO A 289 -4.83 -12.47 12.21
CA PRO A 289 -3.57 -11.74 12.37
C PRO A 289 -3.99 -10.35 12.81
N PHE A 290 -4.53 -10.27 14.03
CA PHE A 290 -4.99 -9.00 14.57
C PHE A 290 -3.85 -7.98 14.55
N ALA A 291 -4.16 -6.77 14.10
CA ALA A 291 -3.16 -5.73 14.05
C ALA A 291 -3.19 -5.00 15.39
N THR A 292 -2.09 -5.04 16.12
CA THR A 292 -2.03 -4.35 17.40
C THR A 292 -0.89 -3.33 17.33
N GLN A 293 -0.95 -2.34 18.21
CA GLN A 293 0.08 -1.31 18.26
C GLN A 293 -0.06 -0.59 19.59
N ASP A 294 1.07 -0.39 20.27
CA ASP A 294 1.06 0.26 21.57
C ASP A 294 1.04 1.78 21.42
N TYR A 295 1.25 2.49 22.53
CA TYR A 295 1.26 3.94 22.49
C TYR A 295 2.58 4.42 21.90
N PRO A 296 2.58 5.59 21.27
CA PRO A 296 3.80 6.14 20.67
C PRO A 296 4.84 6.60 21.70
N THR A 297 6.06 6.80 21.20
CA THR A 297 7.19 7.25 22.02
C THR A 297 6.81 8.43 22.91
N ARG A 298 5.99 9.32 22.36
CA ARG A 298 5.58 10.51 23.08
C ARG A 298 4.43 11.15 22.32
N GLU A 299 3.77 12.11 22.96
CA GLU A 299 2.67 12.81 22.33
C GLU A 299 3.25 13.99 21.55
N VAL A 300 2.62 14.32 20.42
CA VAL A 300 3.07 15.42 19.58
C VAL A 300 1.84 16.22 19.13
N ALA A 301 1.80 17.49 19.47
CA ALA A 301 0.67 18.34 19.14
C ALA A 301 0.81 19.04 17.79
N GLY A 302 -0.34 19.29 17.17
CA GLY A 302 -0.36 19.96 15.89
C GLY A 302 -0.62 19.04 14.71
N ASP A 303 -0.87 19.66 13.56
CA ASP A 303 -1.12 18.92 12.33
C ASP A 303 -0.30 19.51 11.20
N THR A 304 0.69 20.30 11.57
CA THR A 304 1.58 20.91 10.58
C THR A 304 2.48 19.78 10.13
N LEU A 305 3.29 20.00 9.10
CA LEU A 305 4.16 18.96 8.62
C LEU A 305 5.16 18.55 9.70
N PRO A 306 5.90 19.53 10.25
CA PRO A 306 6.86 19.16 11.29
C PRO A 306 6.20 18.37 12.43
N ALA A 307 4.89 18.49 12.56
CA ALA A 307 4.16 17.77 13.61
C ALA A 307 3.87 16.33 13.19
N TRP A 309 5.24 14.78 10.88
CA TRP A 309 6.53 14.20 10.56
C TRP A 309 7.08 13.52 11.81
N ALA A 310 7.06 14.26 12.92
CA ALA A 310 7.54 13.73 14.19
C ALA A 310 6.63 12.60 14.63
N ARG A 311 5.33 12.83 14.55
CA ARG A 311 4.31 11.85 14.91
C ARG A 311 4.66 10.51 14.29
N ARG A 312 5.03 10.51 13.01
CA ARG A 312 5.37 9.27 12.33
C ARG A 312 6.61 8.57 12.87
N LYS A 313 7.62 9.34 13.26
CA LYS A 313 8.85 8.75 13.80
C LYS A 313 8.62 8.22 15.21
N THR A 314 7.61 8.75 15.88
CA THR A 314 7.30 8.35 17.26
C THR A 314 6.47 7.06 17.33
N LEU A 315 5.78 6.74 16.25
CA LEU A 315 4.93 5.56 16.14
C LEU A 315 5.48 4.29 16.79
N ALA A 316 4.61 3.60 17.51
CA ALA A 316 5.00 2.35 18.13
C ALA A 316 4.86 1.33 17.00
N ARG A 317 5.56 0.21 17.13
CA ARG A 317 5.52 -0.83 16.11
C ARG A 317 4.14 -1.51 16.00
N THR A 318 3.88 -2.14 14.86
CA THR A 318 2.64 -2.85 14.62
C THR A 318 2.90 -4.35 14.71
N ARG A 319 2.29 -5.00 15.70
CA ARG A 319 2.47 -6.44 15.90
C ARG A 319 1.21 -7.22 15.52
N PHE A 320 1.38 -8.25 14.70
CA PHE A 320 0.26 -9.08 14.27
C PHE A 320 0.19 -10.32 15.15
N GLN A 321 -0.98 -10.57 15.72
CA GLN A 321 -1.15 -11.71 16.61
C GLN A 321 -2.51 -12.37 16.54
N PRO A 322 -2.55 -13.68 16.82
CA PRO A 322 -3.74 -14.54 16.81
C PRO A 322 -4.88 -14.09 17.72
N SER A 323 -4.54 -13.38 18.80
CA SER A 323 -5.55 -12.88 19.73
C SER A 323 -5.60 -11.37 19.62
N PRO A 324 -6.82 -10.80 19.75
CA PRO A 324 -7.06 -9.35 19.66
C PRO A 324 -6.27 -8.50 20.65
N GLY A 325 -6.09 -7.23 20.29
CA GLY A 325 -5.36 -6.31 21.13
C GLY A 325 -5.51 -4.89 20.65
N PRO A 326 -5.52 -3.90 21.56
CA PRO A 326 -5.66 -2.50 21.16
C PRO A 326 -4.67 -1.98 20.14
N HIS A 327 -5.06 -0.90 19.48
CA HIS A 327 -4.23 -0.25 18.46
C HIS A 327 -4.37 1.24 18.74
N HIS A 328 -3.43 1.82 19.50
CA HIS A 328 -3.54 3.24 19.82
C HIS A 328 -3.45 4.16 18.63
N GLY A 329 -2.50 3.91 17.73
CA GLY A 329 -2.35 4.76 16.57
C GLY A 329 -3.71 5.05 15.97
N GLY A 331 -6.88 4.25 17.67
CA GLY A 331 -7.97 4.48 18.60
C GLY A 331 -9.03 3.39 18.50
N LEU A 332 -8.57 2.14 18.46
CA LEU A 332 -9.43 0.96 18.36
C LEU A 332 -8.99 -0.10 19.37
N ASP A 333 -9.95 -0.81 19.96
CA ASP A 333 -9.59 -1.86 20.93
C ASP A 333 -9.05 -3.09 20.22
N LEU A 334 -9.61 -3.39 19.05
CA LEU A 334 -9.18 -4.52 18.24
C LEU A 334 -9.34 -4.09 16.80
N TYR A 335 -8.58 -4.72 15.89
CA TYR A 335 -8.64 -4.39 14.47
C TYR A 335 -7.89 -5.42 13.63
N ALA A 336 -8.27 -5.52 12.35
CA ALA A 336 -7.62 -6.43 11.41
C ALA A 336 -7.74 -5.80 10.02
N GLN A 337 -6.79 -6.07 9.14
CA GLN A 337 -6.85 -5.53 7.80
C GLN A 337 -7.50 -6.63 6.98
N ALA A 338 -8.68 -6.37 6.43
CA ALA A 338 -9.35 -7.40 5.67
C ALA A 338 -9.83 -6.98 4.30
N THR A 339 -9.43 -5.81 3.84
CA THR A 339 -9.92 -5.32 2.55
C THR A 339 -8.99 -5.44 1.34
N SER A 340 -7.77 -5.92 1.54
CA SER A 340 -6.82 -6.04 0.45
C SER A 340 -6.15 -7.43 0.38
N PRO A 341 -6.97 -8.49 0.26
CA PRO A 341 -6.49 -9.88 0.18
C PRO A 341 -5.86 -10.21 -1.16
N ARG A 343 -3.62 -8.14 -2.57
CA ARG A 343 -2.32 -7.48 -2.64
C ARG A 343 -1.48 -7.56 -1.36
N ARG A 344 -2.10 -7.89 -0.24
CA ARG A 344 -1.39 -8.04 1.03
C ARG A 344 -1.69 -9.44 1.52
N TYR A 345 -0.65 -10.18 1.87
CA TYR A 345 -0.84 -11.55 2.33
C TYR A 345 -1.68 -11.69 3.60
N LEU A 346 -1.40 -10.86 4.60
CA LEU A 346 -2.15 -10.91 5.85
C LEU A 346 -3.65 -10.80 5.61
N ASP A 347 -4.05 -9.97 4.66
CA ASP A 347 -5.46 -9.76 4.35
C ASP A 347 -6.06 -11.03 3.77
N LEU A 348 -5.28 -11.73 2.95
CA LEU A 348 -5.73 -12.96 2.35
C LEU A 348 -6.01 -13.98 3.44
N VAL A 349 -5.12 -14.02 4.43
CA VAL A 349 -5.26 -14.96 5.55
C VAL A 349 -6.55 -14.72 6.31
N VAL A 350 -6.88 -13.45 6.51
CA VAL A 350 -8.10 -13.07 7.19
C VAL A 350 -9.28 -13.72 6.46
N HIS A 351 -9.26 -13.64 5.14
CA HIS A 351 -10.33 -14.22 4.34
C HIS A 351 -10.33 -15.75 4.35
N GLN A 352 -9.16 -16.35 4.50
CA GLN A 352 -9.10 -17.80 4.55
C GLN A 352 -9.71 -18.21 5.89
N GLN A 353 -9.39 -17.45 6.93
CA GLN A 353 -9.92 -17.73 8.25
C GLN A 353 -11.43 -17.53 8.28
N LEU A 354 -11.89 -16.35 7.86
CA LEU A 354 -13.30 -16.04 7.84
C LEU A 354 -14.07 -17.05 7.02
N ARG A 355 -13.55 -17.34 5.82
CA ARG A 355 -14.18 -18.29 4.93
C ARG A 355 -14.29 -19.68 5.57
N ALA A 356 -13.23 -20.09 6.25
CA ALA A 356 -13.21 -21.39 6.90
C ALA A 356 -14.37 -21.48 7.87
N PHE A 357 -14.45 -20.50 8.77
CA PHE A 357 -15.51 -20.46 9.76
C PHE A 357 -16.85 -20.37 9.07
N LEU A 358 -16.95 -19.42 8.15
CA LEU A 358 -18.18 -19.18 7.39
C LEU A 358 -18.60 -20.45 6.74
N ALA A 359 -19.17 -21.35 7.54
CA ALA A 359 -19.62 -22.61 7.05
C ALA A 359 -18.42 -23.47 6.64
N GLY A 360 -18.11 -24.47 7.46
CA GLY A 360 -16.99 -25.32 7.12
C GLY A 360 -16.09 -25.82 8.22
N ARG A 361 -14.90 -26.25 7.79
CA ARG A 361 -13.88 -26.79 8.67
C ARG A 361 -13.32 -25.71 9.61
N ASP A 362 -12.38 -26.10 10.46
CA ASP A 362 -11.79 -25.17 11.40
C ASP A 362 -10.75 -24.30 10.74
N PRO A 363 -10.63 -23.04 11.20
CA PRO A 363 -9.64 -22.12 10.64
C PRO A 363 -8.26 -22.62 11.08
N LEU A 364 -7.24 -21.78 10.99
CA LEU A 364 -5.92 -22.18 11.43
C LEU A 364 -5.79 -21.84 12.91
N SER A 365 -4.97 -22.60 13.62
CA SER A 365 -4.76 -22.37 15.05
C SER A 365 -3.82 -21.19 15.26
N SER A 366 -3.81 -20.61 16.46
CA SER A 366 -2.93 -19.49 16.74
C SER A 366 -1.47 -19.87 16.50
N LYS A 367 -1.20 -21.18 16.52
CA LYS A 367 0.17 -21.65 16.32
C LYS A 367 0.60 -21.49 14.86
N VAL A 368 -0.08 -22.19 13.95
CA VAL A 368 0.26 -22.08 12.55
C VAL A 368 0.06 -20.64 12.07
N ALA A 370 0.69 -17.71 13.85
CA ALA A 370 1.86 -16.90 14.14
C ALA A 370 2.94 -17.26 13.14
N ALA A 371 2.93 -18.52 12.69
CA ALA A 371 3.90 -19.02 11.73
C ALA A 371 3.81 -18.33 10.37
N HIS A 372 2.61 -18.29 9.78
CA HIS A 372 2.45 -17.64 8.48
C HIS A 372 2.67 -16.14 8.55
N ILE A 373 2.37 -15.55 9.70
CA ILE A 373 2.56 -14.11 9.90
C ILE A 373 4.06 -13.84 9.82
N ALA A 374 4.83 -14.65 10.54
CA ALA A 374 6.28 -14.53 10.56
C ALA A 374 6.89 -14.76 9.17
N GLU A 375 6.55 -15.89 8.57
CA GLU A 375 7.07 -16.26 7.26
C GLU A 375 6.82 -15.22 6.17
N SER A 376 5.60 -14.68 6.12
CA SER A 376 5.23 -13.69 5.12
C SER A 376 5.83 -12.29 5.33
N GLN A 377 5.75 -11.77 6.54
CA GLN A 377 6.29 -10.44 6.84
C GLN A 377 7.69 -10.23 6.29
N ASN A 379 9.09 -11.63 3.79
CA ASN A 379 8.97 -11.47 2.36
C ASN A 379 8.32 -10.12 2.02
N ALA A 380 7.37 -9.69 2.84
CA ALA A 380 6.70 -8.43 2.60
C ALA A 380 7.66 -7.28 2.82
N ASP A 381 8.56 -7.42 3.79
CA ASP A 381 9.55 -6.37 4.06
C ASP A 381 10.42 -6.16 2.83
N ALA A 382 10.95 -7.25 2.29
CA ALA A 382 11.80 -7.21 1.11
C ALA A 382 11.04 -6.57 -0.06
N THR A 383 9.84 -7.07 -0.34
CA THR A 383 9.04 -6.53 -1.43
C THR A 383 8.83 -5.03 -1.29
N ARG A 384 8.46 -4.57 -0.10
CA ARG A 384 8.23 -3.13 0.12
C ARG A 384 9.49 -2.29 -0.01
N GLN A 385 10.62 -2.80 0.45
CA GLN A 385 11.86 -2.05 0.36
C GLN A 385 12.16 -1.89 -1.13
N ALA A 386 11.92 -2.95 -1.89
CA ALA A 386 12.13 -2.92 -3.33
C ALA A 386 11.32 -1.77 -3.93
N GLU A 387 10.08 -1.62 -3.48
CA GLU A 387 9.22 -0.55 -3.97
C GLU A 387 9.78 0.82 -3.63
N ARG A 388 10.20 0.99 -2.39
CA ARG A 388 10.74 2.26 -1.93
C ARG A 388 11.99 2.62 -2.73
N LEU A 389 12.91 1.67 -2.85
CA LEU A 389 14.15 1.89 -3.57
C LEU A 389 13.96 2.23 -5.05
N SER A 390 12.93 1.68 -5.65
CA SER A 390 12.66 1.95 -7.04
C SER A 390 11.93 3.29 -7.23
N ARG A 391 11.06 3.63 -6.29
CA ARG A 391 10.34 4.89 -6.37
C ARG A 391 11.36 5.99 -6.19
N ARG A 392 12.42 5.70 -5.45
CA ARG A 392 13.48 6.66 -5.20
C ARG A 392 14.28 6.85 -6.48
N HIS A 393 14.61 5.73 -7.10
CA HIS A 393 15.37 5.70 -8.33
C HIS A 393 14.71 6.59 -9.39
N HIS A 394 13.44 6.31 -9.68
CA HIS A 394 12.72 7.08 -10.68
C HIS A 394 12.46 8.50 -10.23
N THR A 395 12.26 8.71 -8.94
CA THR A 395 12.05 10.09 -8.50
C THR A 395 13.33 10.87 -8.80
N LEU A 396 14.48 10.23 -8.65
CA LEU A 396 15.74 10.90 -8.95
C LEU A 396 15.83 11.29 -10.42
N ARG A 397 15.39 10.39 -11.29
CA ARG A 397 15.40 10.64 -12.72
C ARG A 397 14.60 11.90 -13.00
N PHE A 398 13.39 11.90 -12.48
CA PHE A 398 12.48 13.03 -12.64
C PHE A 398 13.21 14.31 -12.23
N ILE A 399 13.79 14.31 -11.05
CA ILE A 399 14.51 15.47 -10.57
C ILE A 399 15.59 15.91 -11.56
N ALA A 400 16.34 14.94 -12.09
CA ALA A 400 17.43 15.21 -13.02
C ALA A 400 16.97 15.82 -14.35
N ALA A 401 15.76 15.49 -14.78
CA ALA A 401 15.22 16.01 -16.03
C ALA A 401 14.69 17.46 -15.90
N GLN A 402 15.10 18.13 -14.84
CA GLN A 402 14.67 19.51 -14.59
C GLN A 402 15.75 20.18 -13.74
N PRO A 403 17.00 20.18 -14.23
CA PRO A 403 18.17 20.75 -13.57
C PRO A 403 17.92 22.09 -12.91
N GLU A 404 17.35 23.00 -13.68
CA GLU A 404 17.05 24.36 -13.26
C GLU A 404 15.87 24.55 -12.30
N ARG A 405 14.81 23.77 -12.49
CA ARG A 405 13.62 23.85 -11.66
C ARG A 405 13.87 24.03 -10.16
N VAL A 406 13.04 24.86 -9.54
CA VAL A 406 13.12 25.16 -8.12
C VAL A 406 11.90 24.55 -7.41
N TRP A 407 12.14 23.84 -6.32
CA TRP A 407 11.04 23.19 -5.62
C TRP A 407 10.72 23.84 -4.28
N ASP A 408 9.46 23.74 -3.89
CA ASP A 408 9.00 24.28 -2.62
C ASP A 408 9.16 23.21 -1.54
N ALA A 409 9.79 23.59 -0.44
CA ALA A 409 10.02 22.67 0.67
C ALA A 409 9.64 23.31 2.01
N VAL A 410 9.80 22.53 3.07
CA VAL A 410 9.49 22.99 4.43
C VAL A 410 10.36 22.21 5.41
N VAL A 411 11.13 22.91 6.23
CA VAL A 411 11.98 22.23 7.21
C VAL A 411 11.07 21.46 8.17
N VAL A 412 11.05 20.14 8.04
CA VAL A 412 10.21 19.29 8.89
C VAL A 412 10.88 18.74 10.14
N ASP A 413 12.21 18.72 10.13
CA ASP A 413 12.96 18.21 11.27
C ASP A 413 14.37 18.78 11.21
N ARG A 414 15.10 18.66 12.32
CA ARG A 414 16.45 19.18 12.37
C ARG A 414 17.44 18.24 13.04
N ARG A 415 18.63 18.75 13.30
CA ARG A 415 19.72 18.00 13.94
C ARG A 415 21.01 18.77 13.66
N GLY A 416 21.38 19.65 14.59
CA GLY A 416 22.58 20.43 14.41
C GLY A 416 22.33 21.48 13.34
N ALA A 417 23.39 21.87 12.63
CA ALA A 417 23.25 22.87 11.56
C ALA A 417 22.52 22.25 10.38
N GLN A 418 22.28 20.95 10.47
CA GLN A 418 21.61 20.22 9.40
C GLN A 418 20.10 20.05 9.57
N ALA A 419 19.36 20.71 8.69
CA ALA A 419 17.91 20.63 8.71
C ALA A 419 17.43 19.74 7.57
N THR A 420 16.53 18.81 7.90
CA THR A 420 15.97 17.92 6.90
C THR A 420 14.66 18.50 6.43
N LEU A 421 14.62 18.99 5.19
CA LEU A 421 13.39 19.56 4.67
C LEU A 421 12.71 18.59 3.70
N LEU A 422 11.40 18.76 3.52
CA LEU A 422 10.62 17.91 2.64
C LEU A 422 10.07 18.67 1.45
N ILE A 423 10.14 18.06 0.26
CA ILE A 423 9.61 18.67 -0.94
C ILE A 423 8.26 17.99 -1.18
N PRO A 424 7.17 18.60 -0.69
CA PRO A 424 5.81 18.08 -0.83
C PRO A 424 5.44 17.50 -2.18
N ASP A 425 5.71 18.25 -3.24
CA ASP A 425 5.36 17.80 -4.58
C ASP A 425 6.10 16.54 -5.02
N LEU A 426 7.17 16.20 -4.32
CA LEU A 426 7.94 15.00 -4.65
C LEU A 426 7.88 13.97 -3.54
N ALA A 427 7.29 14.35 -2.40
CA ALA A 427 7.19 13.48 -1.24
C ALA A 427 8.61 13.01 -0.92
N PHE A 428 9.57 13.85 -1.30
CA PHE A 428 11.00 13.60 -1.14
C PHE A 428 11.56 14.50 -0.03
N ASP A 429 12.65 14.09 0.59
CA ASP A 429 13.29 14.88 1.63
C ASP A 429 14.81 14.74 1.57
N VAL A 430 15.51 15.86 1.68
CA VAL A 430 16.97 15.88 1.61
C VAL A 430 17.59 16.64 2.77
N GLN A 431 18.79 16.23 3.17
CA GLN A 431 19.51 16.91 4.24
C GLN A 431 20.08 18.20 3.68
N VAL A 432 20.00 19.27 4.47
CA VAL A 432 20.51 20.57 4.09
C VAL A 432 20.83 21.40 5.33
N ASN A 433 22.02 21.99 5.35
CA ASN A 433 22.43 22.82 6.48
C ASN A 433 21.99 24.26 6.24
N THR A 434 21.25 24.80 7.20
CA THR A 434 20.73 26.17 7.14
C THR A 434 20.12 26.49 8.49
N PRO A 435 19.62 27.72 8.67
CA PRO A 435 19.02 28.08 9.96
C PRO A 435 17.56 27.64 10.07
N ALA A 436 16.73 28.14 9.16
CA ALA A 436 15.29 27.85 9.10
C ALA A 436 14.72 26.92 10.16
N ALA A 437 13.69 27.38 10.84
CA ALA A 437 13.04 26.61 11.90
C ALA A 437 12.02 25.60 11.35
N PRO A 438 11.80 24.52 12.10
CA PRO A 438 10.86 23.44 11.74
C PRO A 438 9.47 23.92 11.31
N GLY A 439 9.36 24.35 10.06
CA GLY A 439 8.09 24.81 9.53
C GLY A 439 8.34 25.90 8.51
N THR A 440 9.62 26.29 8.41
CA THR A 440 10.05 27.32 7.49
C THR A 440 10.05 26.77 6.06
N ALA A 441 9.44 27.52 5.14
CA ALA A 441 9.40 27.11 3.75
C ALA A 441 10.59 27.77 3.06
N LEU A 442 11.16 27.07 2.09
CA LEU A 442 12.30 27.59 1.36
C LEU A 442 12.39 26.84 0.05
N GLN A 443 12.66 27.56 -1.04
CA GLN A 443 12.78 26.93 -2.34
C GLN A 443 14.15 26.28 -2.44
N VAL A 444 14.19 25.05 -2.94
CA VAL A 444 15.47 24.36 -3.07
C VAL A 444 15.81 24.12 -4.53
N GLN A 445 17.04 23.71 -4.76
CA GLN A 445 17.52 23.43 -6.10
C GLN A 445 18.48 22.26 -5.93
N PHE A 446 18.29 21.20 -6.69
CA PHE A 446 19.06 20.00 -6.54
C PHE A 446 20.41 20.04 -7.18
N ALA A 447 21.40 19.48 -6.49
CA ALA A 447 22.76 19.46 -6.99
C ALA A 447 23.21 18.04 -7.33
N ASP A 448 23.11 17.68 -8.61
CA ASP A 448 23.94 16.63 -9.17
C ASP A 448 23.46 15.25 -8.74
N ILE A 449 22.58 14.66 -9.53
CA ILE A 449 22.06 13.33 -9.25
C ILE A 449 23.11 12.26 -9.49
N ASP A 450 23.10 11.21 -8.66
CA ASP A 450 23.98 10.07 -8.86
C ASP A 450 23.05 8.87 -8.67
N LEU A 451 22.60 8.26 -9.77
CA LEU A 451 21.69 7.10 -9.70
C LEU A 451 22.21 5.86 -8.98
N PRO A 452 23.41 5.39 -9.35
CA PRO A 452 23.94 4.20 -8.69
C PRO A 452 23.93 4.31 -7.16
N GLN A 453 24.55 5.36 -6.64
CA GLN A 453 24.60 5.60 -5.20
C GLN A 453 23.22 6.03 -4.72
N ARG A 455 21.89 9.17 -4.51
CA ARG A 455 21.96 10.29 -3.58
C ARG A 455 21.86 11.65 -4.29
N VAL A 456 21.52 12.68 -3.53
CA VAL A 456 21.40 14.04 -4.04
C VAL A 456 21.68 15.03 -2.95
N ARG A 457 22.32 16.14 -3.31
CA ARG A 457 22.60 17.18 -2.34
C ARG A 457 21.71 18.33 -2.80
N ALA A 458 21.37 19.24 -1.90
CA ALA A 458 20.51 20.33 -2.28
C ALA A 458 20.97 21.69 -1.81
N ARG A 459 20.75 22.70 -2.65
CA ARG A 459 21.10 24.08 -2.33
C ARG A 459 19.82 24.87 -2.05
N SER A 460 19.87 25.75 -1.07
CA SER A 460 18.71 26.56 -0.72
C SER A 460 18.69 27.79 -1.62
N VAL A 461 17.99 27.68 -2.75
CA VAL A 461 17.89 28.78 -3.69
C VAL A 461 17.05 29.92 -3.12
#